data_7AIA
#
_entry.id   7AIA
#
_cell.length_a   73.045
_cell.length_b   114.914
_cell.length_c   116.866
_cell.angle_alpha   90.000
_cell.angle_beta   90.000
_cell.angle_gamma   90.000
#
_symmetry.space_group_name_H-M   'P 21 21 21'
#
loop_
_entity.id
_entity.type
_entity.pdbx_description
1 polymer 'Ganglioside-induced differentiation-associated protein 1'
2 non-polymer GLYCEROL
3 non-polymer ETHANOL
4 non-polymer 'hexadecanedioic acid'
5 water water
#
_entity_poly.entity_id   1
_entity_poly.type   'polypeptide(L)'
_entity_poly.pdbx_seq_one_letter_code
;EVKLILYHWTHSFSSQKVRLVIAEKALKCEEHDVSLPLSEHNEPWFMRLNSTGEVPVLIHGENIICEATQIIDYLEQTFL
DERTPRLMPDKESMYYPRVQHYRELLDSLPMDAYTHGCILHPELTVDSMIPAYATTRIRSQIGNTESELKKLAEENPDLQ
EAYIAKQKRLKSKLLDHDNVKYLKKILDELEKVLDQVETELQRRNEETPEEGQQPWLCGESFTLADVSLAVTLHRLKFLG
FARRNWGNGKRPNLETYYERVLKRKTFNKVLGHVNNILIS
;
_entity_poly.pdbx_strand_id   AAA,BBB
#
loop_
_chem_comp.id
_chem_comp.type
_chem_comp.name
_chem_comp.formula
EOH non-polymer ETHANOL 'C2 H6 O'
GOL non-polymer GLYCEROL 'C3 H8 O3'
RF8 non-polymer 'hexadecanedioic acid' 'C16 H30 O4'
#
# COMPACT_ATOMS: atom_id res chain seq x y z
N GLU A 1 -18.92 8.75 -15.88
CA GLU A 1 -19.69 8.80 -14.61
C GLU A 1 -18.89 8.25 -13.45
N VAL A 2 -18.19 7.13 -13.64
CA VAL A 2 -17.28 6.55 -12.60
C VAL A 2 -15.85 6.99 -12.89
N LYS A 3 -15.38 7.98 -12.15
CA LYS A 3 -14.04 8.58 -12.36
C LYS A 3 -12.95 7.57 -12.03
N LEU A 4 -11.86 7.65 -12.78
CA LEU A 4 -10.53 7.13 -12.40
C LEU A 4 -9.80 8.25 -11.69
N ILE A 5 -9.37 8.03 -10.46
CA ILE A 5 -8.60 9.02 -9.65
C ILE A 5 -7.23 8.40 -9.33
N LEU A 6 -6.15 9.11 -9.66
CA LEU A 6 -4.78 8.69 -9.32
C LEU A 6 -4.17 9.76 -8.44
N TYR A 7 -3.70 9.37 -7.27
CA TYR A 7 -2.81 10.20 -6.43
C TYR A 7 -1.41 9.64 -6.59
N HIS A 8 -0.45 10.51 -6.85
CA HIS A 8 0.89 10.07 -7.28
C HIS A 8 1.89 11.22 -7.08
N TRP A 9 3.17 10.90 -7.24
CA TRP A 9 4.24 11.92 -7.34
CA TRP A 9 4.27 11.91 -7.32
C TRP A 9 4.81 11.88 -8.75
N THR A 10 4.73 13.00 -9.45
CA THR A 10 5.21 13.10 -10.85
C THR A 10 6.57 12.45 -11.04
N HIS A 11 7.57 12.71 -10.20
CA HIS A 11 8.94 12.23 -10.47
C HIS A 11 9.19 10.84 -9.91
N SER A 12 8.25 10.26 -9.20
CA SER A 12 8.36 8.88 -8.69
C SER A 12 8.41 7.89 -9.88
N PHE A 13 9.34 6.98 -9.82
CA PHE A 13 9.53 5.92 -10.82
C PHE A 13 8.22 5.15 -11.01
N SER A 14 7.58 4.82 -9.92
CA SER A 14 6.34 3.99 -9.91
C SER A 14 5.25 4.79 -10.62
N SER A 15 5.10 6.04 -10.25
CA SER A 15 4.07 6.89 -10.83
C SER A 15 4.27 6.97 -12.35
N GLN A 16 5.50 7.00 -12.79
CA GLN A 16 5.80 7.16 -14.24
C GLN A 16 5.27 5.93 -14.99
N LYS A 17 5.47 4.72 -14.47
CA LYS A 17 4.97 3.50 -15.13
C LYS A 17 3.44 3.55 -15.17
N VAL A 18 2.82 3.95 -14.06
CA VAL A 18 1.34 3.94 -14.01
C VAL A 18 0.82 4.95 -15.05
N ARG A 19 1.37 6.17 -15.06
CA ARG A 19 0.83 7.21 -15.97
C ARG A 19 1.12 6.86 -17.44
N LEU A 20 2.21 6.19 -17.72
CA LEU A 20 2.50 5.79 -19.10
C LEU A 20 1.45 4.74 -19.52
N VAL A 21 1.08 3.83 -18.63
CA VAL A 21 0.03 2.82 -18.92
C VAL A 21 -1.26 3.54 -19.18
N ILE A 22 -1.60 4.48 -18.35
CA ILE A 22 -2.90 5.18 -18.55
C ILE A 22 -2.91 5.80 -19.95
N ALA A 23 -1.82 6.42 -20.37
CA ALA A 23 -1.73 7.10 -21.68
C ALA A 23 -1.79 6.05 -22.81
N GLU A 24 -1.09 4.94 -22.69
CA GLU A 24 -1.03 3.88 -23.72
C GLU A 24 -2.40 3.20 -23.84
N LYS A 25 -3.21 3.15 -22.80
CA LYS A 25 -4.59 2.58 -22.89
C LYS A 25 -5.59 3.69 -23.22
N ALA A 26 -5.16 4.94 -23.35
CA ALA A 26 -6.05 6.08 -23.71
C ALA A 26 -7.18 6.21 -22.71
N LEU A 27 -6.90 6.08 -21.40
CA LEU A 27 -7.96 6.23 -20.37
C LEU A 27 -8.05 7.66 -19.90
N LYS A 28 -9.24 8.10 -19.56
CA LYS A 28 -9.41 9.41 -18.92
C LYS A 28 -9.20 9.20 -17.42
N CYS A 29 -8.35 10.01 -16.83
CA CYS A 29 -7.96 9.87 -15.43
C CYS A 29 -7.79 11.26 -14.81
N GLU A 30 -8.36 11.47 -13.64
CA GLU A 30 -8.13 12.66 -12.80
C GLU A 30 -6.84 12.41 -11.99
N GLU A 31 -5.75 13.05 -12.35
CA GLU A 31 -4.40 12.77 -11.82
C GLU A 31 -4.07 13.88 -10.85
N HIS A 32 -3.78 13.53 -9.61
CA HIS A 32 -3.39 14.48 -8.53
C HIS A 32 -1.92 14.26 -8.21
N ASP A 33 -1.08 15.18 -8.66
CA ASP A 33 0.35 15.18 -8.27
C ASP A 33 0.37 15.77 -6.87
N VAL A 34 0.64 14.99 -5.84
CA VAL A 34 0.66 15.54 -4.46
C VAL A 34 2.05 16.10 -4.11
N SER A 35 3.06 15.96 -4.97
CA SER A 35 4.40 16.54 -4.60
C SER A 35 4.36 18.05 -4.58
N LEU A 36 5.14 18.65 -3.69
CA LEU A 36 5.32 20.12 -3.59
C LEU A 36 6.53 20.57 -4.39
N PRO A 37 6.46 21.73 -5.08
CA PRO A 37 7.65 22.29 -5.73
C PRO A 37 8.84 22.39 -4.76
N LEU A 38 8.55 22.85 -3.55
CA LEU A 38 9.59 23.00 -2.50
C LEU A 38 9.15 22.34 -1.20
N SER A 39 10.04 21.54 -0.63
CA SER A 39 9.86 20.89 0.67
C SER A 39 9.95 21.92 1.79
N GLU A 40 9.66 21.47 3.01
CA GLU A 40 9.78 22.29 4.23
C GLU A 40 11.21 22.85 4.32
N HIS A 41 12.21 22.06 3.89
CA HIS A 41 13.62 22.49 3.86
C HIS A 41 13.98 23.17 2.53
N ASN A 42 12.98 23.70 1.83
CA ASN A 42 13.13 24.36 0.50
C ASN A 42 14.06 23.55 -0.43
N GLU A 43 13.87 22.25 -0.50
CA GLU A 43 14.54 21.34 -1.46
C GLU A 43 13.59 21.08 -2.65
N PRO A 44 14.13 21.03 -3.89
CA PRO A 44 13.30 20.68 -5.05
C PRO A 44 13.27 19.17 -5.24
N TRP A 45 12.47 18.71 -6.18
CA TRP A 45 12.17 17.27 -6.35
C TRP A 45 13.46 16.45 -6.48
N PHE A 46 14.47 16.96 -7.16
CA PHE A 46 15.65 16.12 -7.50
C PHE A 46 16.56 15.94 -6.28
N MET A 47 16.17 16.43 -5.11
CA MET A 47 16.92 16.16 -3.87
C MET A 47 16.11 15.29 -2.90
N ARG A 48 15.05 14.63 -3.36
CA ARG A 48 14.09 13.92 -2.48
C ARG A 48 13.71 12.59 -3.11
N LEU A 49 14.64 11.99 -3.86
CA LEU A 49 14.28 10.84 -4.72
C LEU A 49 14.31 9.62 -3.79
N ASN A 50 13.17 8.97 -3.75
CA ASN A 50 12.72 8.04 -2.68
C ASN A 50 12.89 8.63 -1.27
N SER A 51 12.43 9.86 -1.03
CA SER A 51 12.25 10.45 0.32
C SER A 51 11.70 9.40 1.29
N THR A 52 10.64 8.67 0.90
CA THR A 52 9.91 7.69 1.77
C THR A 52 9.66 6.40 1.00
N GLY A 53 9.06 5.39 1.65
CA GLY A 53 8.68 4.11 1.02
C GLY A 53 7.22 4.04 0.56
N GLU A 54 6.66 5.13 0.00
CA GLU A 54 5.20 5.27 -0.27
C GLU A 54 4.88 5.00 -1.76
N VAL A 55 3.64 4.58 -1.99
CA VAL A 55 3.16 4.15 -3.31
C VAL A 55 2.07 5.05 -3.87
N PRO A 56 1.91 5.13 -5.20
CA PRO A 56 0.71 5.72 -5.79
C PRO A 56 -0.54 4.85 -5.52
N VAL A 57 -1.69 5.49 -5.64
CA VAL A 57 -2.98 4.86 -5.33
C VAL A 57 -4.01 5.27 -6.39
N LEU A 58 -4.76 4.27 -6.87
CA LEU A 58 -5.84 4.44 -7.84
C LEU A 58 -7.15 4.22 -7.13
N ILE A 59 -8.10 5.14 -7.29
CA ILE A 59 -9.49 4.98 -6.85
C ILE A 59 -10.38 4.89 -8.12
N HIS A 60 -11.15 3.82 -8.22
CA HIS A 60 -12.05 3.58 -9.37
C HIS A 60 -13.33 2.98 -8.83
N GLY A 61 -14.34 3.80 -8.64
CA GLY A 61 -15.56 3.33 -8.03
C GLY A 61 -15.30 2.91 -6.61
N GLU A 62 -15.69 1.67 -6.31
CA GLU A 62 -15.52 0.99 -5.00
C GLU A 62 -14.08 0.46 -4.81
N ASN A 63 -13.23 0.53 -5.81
CA ASN A 63 -11.93 -0.14 -5.77
C ASN A 63 -10.84 0.87 -5.41
N ILE A 64 -10.02 0.53 -4.43
CA ILE A 64 -8.82 1.30 -4.01
C ILE A 64 -7.65 0.36 -4.26
N ILE A 65 -6.73 0.75 -5.11
CA ILE A 65 -5.58 -0.10 -5.44
C ILE A 65 -4.31 0.73 -5.24
N CYS A 66 -3.38 0.19 -4.46
CA CYS A 66 -2.06 0.80 -4.13
C CYS A 66 -0.98 0.02 -4.86
N GLU A 67 0.10 0.73 -5.21
CA GLU A 67 1.37 0.20 -5.78
C GLU A 67 1.23 0.05 -7.28
N ALA A 68 2.30 0.37 -8.00
CA ALA A 68 2.31 0.44 -9.47
C ALA A 68 1.93 -0.90 -10.08
N THR A 69 2.50 -2.01 -9.64
CA THR A 69 2.23 -3.30 -10.29
C THR A 69 0.74 -3.62 -10.16
N GLN A 70 0.19 -3.49 -8.97
CA GLN A 70 -1.23 -3.84 -8.70
C GLN A 70 -2.13 -2.87 -9.47
N ILE A 71 -1.78 -1.60 -9.54
CA ILE A 71 -2.62 -0.61 -10.26
C ILE A 71 -2.64 -0.99 -11.73
N ILE A 72 -1.48 -1.34 -12.27
CA ILE A 72 -1.34 -1.62 -13.72
C ILE A 72 -2.12 -2.90 -14.00
N ASP A 73 -2.02 -3.91 -13.13
CA ASP A 73 -2.78 -5.18 -13.35
C ASP A 73 -4.28 -4.85 -13.33
N TYR A 74 -4.72 -4.06 -12.36
CA TYR A 74 -6.12 -3.65 -12.30
C TYR A 74 -6.53 -2.97 -13.61
N LEU A 75 -5.74 -2.04 -14.11
CA LEU A 75 -6.11 -1.33 -15.36
C LEU A 75 -6.26 -2.32 -16.51
N GLU A 76 -5.33 -3.27 -16.64
CA GLU A 76 -5.36 -4.26 -17.74
C GLU A 76 -6.60 -5.16 -17.64
N GLN A 77 -7.03 -5.51 -16.42
CA GLN A 77 -8.14 -6.47 -16.19
C GLN A 77 -9.49 -5.78 -16.33
N THR A 78 -9.57 -4.46 -16.10
CA THR A 78 -10.85 -3.74 -15.92
C THR A 78 -11.33 -3.04 -17.21
N PHE A 79 -10.45 -2.42 -17.98
CA PHE A 79 -10.81 -1.60 -19.17
C PHE A 79 -10.72 -2.49 -20.41
N LEU A 80 -11.82 -3.14 -20.75
CA LEU A 80 -11.91 -4.23 -21.77
C LEU A 80 -12.71 -3.78 -23.00
N ASP A 81 -13.12 -2.54 -23.10
CA ASP A 81 -13.76 -1.99 -24.31
C ASP A 81 -12.88 -2.32 -25.53
N GLU A 82 -13.54 -2.52 -26.67
CA GLU A 82 -12.93 -3.01 -27.93
C GLU A 82 -11.85 -2.03 -28.38
N ARG A 83 -12.09 -0.73 -28.25
CA ARG A 83 -11.14 0.36 -28.63
C ARG A 83 -9.97 0.58 -27.66
N THR A 84 -9.96 -0.06 -26.49
CA THR A 84 -8.91 0.16 -25.47
C THR A 84 -7.76 -0.77 -25.75
N PRO A 85 -6.55 -0.27 -26.08
CA PRO A 85 -5.41 -1.16 -26.30
C PRO A 85 -5.12 -2.08 -25.12
N ARG A 86 -4.73 -3.30 -25.42
CA ARG A 86 -4.27 -4.27 -24.42
C ARG A 86 -2.75 -4.20 -24.45
N LEU A 87 -2.16 -4.18 -23.26
CA LEU A 87 -0.70 -4.10 -23.11
C LEU A 87 -0.17 -5.48 -22.70
N MET A 88 -1.04 -6.46 -22.54
CA MET A 88 -0.58 -7.86 -22.32
C MET A 88 -1.29 -8.70 -23.35
N PRO A 89 -0.59 -9.69 -23.93
CA PRO A 89 -1.30 -10.66 -24.74
C PRO A 89 -2.22 -11.50 -23.84
N ASP A 90 -3.24 -12.06 -24.46
CA ASP A 90 -4.15 -13.05 -23.83
C ASP A 90 -3.31 -14.11 -23.14
N LYS A 91 -3.77 -14.63 -22.02
CA LYS A 91 -3.05 -15.66 -21.21
C LYS A 91 -2.81 -16.94 -22.01
N GLU A 92 -3.63 -17.23 -23.02
CA GLU A 92 -3.45 -18.41 -23.90
C GLU A 92 -2.57 -18.09 -25.12
N SER A 93 -2.09 -16.86 -25.27
CA SER A 93 -1.22 -16.50 -26.41
C SER A 93 0.14 -17.16 -26.24
N MET A 94 0.75 -17.60 -27.31
CA MET A 94 2.17 -18.04 -27.32
C MET A 94 3.10 -16.89 -26.91
N TYR A 95 2.68 -15.64 -27.00
CA TYR A 95 3.49 -14.47 -26.57
C TYR A 95 3.42 -14.22 -25.08
N TYR A 96 2.41 -14.72 -24.35
CA TYR A 96 2.22 -14.32 -22.93
C TYR A 96 3.48 -14.65 -22.11
N PRO A 97 4.04 -15.84 -22.20
CA PRO A 97 5.24 -16.14 -21.41
C PRO A 97 6.38 -15.14 -21.58
N ARG A 98 6.58 -14.68 -22.82
CA ARG A 98 7.76 -13.83 -23.10
C ARG A 98 7.54 -12.45 -22.49
N VAL A 99 6.35 -11.89 -22.68
CA VAL A 99 6.01 -10.56 -22.11
C VAL A 99 6.05 -10.65 -20.58
N GLN A 100 5.47 -11.70 -19.99
CA GLN A 100 5.46 -11.80 -18.51
C GLN A 100 6.90 -11.95 -18.00
N HIS A 101 7.72 -12.75 -18.66
CA HIS A 101 9.13 -12.95 -18.24
C HIS A 101 9.85 -11.59 -18.24
N TYR A 102 9.73 -10.77 -19.27
CA TYR A 102 10.53 -9.52 -19.33
C TYR A 102 9.95 -8.48 -18.35
N ARG A 103 8.64 -8.43 -18.25
CA ARG A 103 7.97 -7.51 -17.29
C ARG A 103 8.48 -7.81 -15.87
N GLU A 104 8.46 -9.05 -15.47
CA GLU A 104 8.93 -9.41 -14.11
C GLU A 104 10.44 -9.24 -13.99
N LEU A 105 11.21 -9.57 -15.02
CA LEU A 105 12.68 -9.38 -14.94
C LEU A 105 12.98 -7.88 -14.70
N LEU A 106 12.30 -6.99 -15.39
CA LEU A 106 12.62 -5.55 -15.25
C LEU A 106 12.04 -4.97 -13.95
N ASP A 107 10.85 -5.39 -13.58
CA ASP A 107 10.17 -5.00 -12.32
C ASP A 107 10.95 -5.54 -11.11
N SER A 108 11.83 -6.50 -11.25
CA SER A 108 12.59 -7.03 -10.11
C SER A 108 13.84 -6.13 -9.86
N LEU A 109 14.14 -5.19 -10.74
CA LEU A 109 15.36 -4.36 -10.57
C LEU A 109 15.20 -3.49 -9.32
N PRO A 110 16.23 -3.36 -8.47
CA PRO A 110 16.18 -2.48 -7.30
C PRO A 110 16.50 -1.00 -7.60
N MET A 111 15.56 -0.35 -8.25
CA MET A 111 15.72 1.04 -8.74
C MET A 111 15.99 1.98 -7.58
N ASP A 112 15.37 1.75 -6.43
CA ASP A 112 15.62 2.59 -5.23
C ASP A 112 17.09 2.52 -4.83
N ALA A 113 17.70 1.34 -4.86
CA ALA A 113 19.10 1.22 -4.45
C ALA A 113 20.01 1.87 -5.52
N TYR A 114 19.65 1.86 -6.81
CA TYR A 114 20.48 2.57 -7.83
C TYR A 114 20.43 4.07 -7.54
N THR A 115 19.28 4.58 -7.15
CA THR A 115 19.07 5.99 -6.84
C THR A 115 19.92 6.36 -5.63
N HIS A 116 19.87 5.59 -4.55
CA HIS A 116 20.67 5.83 -3.31
CA HIS A 116 20.65 5.91 -3.32
C HIS A 116 22.14 5.79 -3.69
N GLY A 117 22.50 4.86 -4.54
CA GLY A 117 23.91 4.68 -4.91
C GLY A 117 24.44 5.81 -5.78
N CYS A 118 23.63 6.29 -6.71
CA CYS A 118 23.97 7.46 -7.56
C CYS A 118 24.33 8.65 -6.66
N ILE A 119 23.56 8.87 -5.61
CA ILE A 119 23.76 10.07 -4.74
C ILE A 119 24.91 9.86 -3.76
N LEU A 120 25.02 8.67 -3.18
CA LEU A 120 26.08 8.41 -2.16
C LEU A 120 27.40 8.09 -2.81
N HIS A 121 27.40 7.46 -3.99
CA HIS A 121 28.66 7.02 -4.63
C HIS A 121 28.70 7.47 -6.08
N PRO A 122 28.68 8.80 -6.32
CA PRO A 122 28.61 9.32 -7.68
C PRO A 122 29.86 8.96 -8.51
N GLU A 123 30.98 8.62 -7.90
CA GLU A 123 32.16 8.11 -8.63
C GLU A 123 31.80 6.86 -9.47
N LEU A 124 30.71 6.15 -9.18
CA LEU A 124 30.27 4.98 -9.99
C LEU A 124 29.35 5.39 -11.15
N THR A 125 28.99 6.67 -11.27
CA THR A 125 28.15 7.19 -12.37
C THR A 125 29.01 7.90 -13.41
N VAL A 126 28.43 8.12 -14.58
CA VAL A 126 28.95 9.02 -15.65
C VAL A 126 27.77 9.87 -16.14
N ASP A 127 27.89 11.19 -16.09
CA ASP A 127 26.89 12.16 -16.59
C ASP A 127 25.60 11.99 -15.84
N SER A 128 25.72 11.88 -14.52
CA SER A 128 24.56 11.95 -13.63
C SER A 128 23.84 13.26 -13.92
N MET A 129 22.53 13.27 -13.92
CA MET A 129 21.75 14.52 -14.11
C MET A 129 21.38 15.14 -12.75
N ILE A 130 21.85 14.57 -11.65
CA ILE A 130 21.64 15.10 -10.29
C ILE A 130 22.84 15.94 -9.92
N PRO A 131 22.64 17.20 -9.50
CA PRO A 131 23.77 18.05 -9.16
C PRO A 131 24.65 17.42 -8.06
N ALA A 132 25.93 17.71 -8.10
CA ALA A 132 26.96 17.19 -7.16
C ALA A 132 26.63 17.65 -5.73
N TYR A 133 26.01 18.82 -5.58
CA TYR A 133 25.71 19.33 -4.23
C TYR A 133 24.68 18.44 -3.55
N ALA A 134 23.82 17.70 -4.27
CA ALA A 134 22.89 16.75 -3.63
C ALA A 134 23.70 15.66 -2.91
N THR A 135 24.75 15.17 -3.55
CA THR A 135 25.71 14.24 -2.89
C THR A 135 26.30 14.86 -1.62
N THR A 136 26.81 16.10 -1.64
CA THR A 136 27.54 16.65 -0.47
C THR A 136 26.55 16.94 0.66
N ARG A 137 25.27 17.16 0.35
CA ARG A 137 24.28 17.42 1.41
C ARG A 137 23.92 16.13 2.15
N ILE A 138 23.62 15.04 1.43
CA ILE A 138 23.28 13.71 2.04
C ILE A 138 24.46 13.18 2.84
N ARG A 139 25.69 13.39 2.35
CA ARG A 139 26.90 12.89 3.02
C ARG A 139 27.20 13.74 4.26
N SER A 140 26.68 14.97 4.33
CA SER A 140 26.84 15.84 5.53
C SER A 140 26.29 15.13 6.77
N ALA A 162 40.10 10.96 17.88
CA ALA A 162 41.02 11.38 18.96
C ALA A 162 40.81 10.49 20.20
N TYR A 163 39.57 10.31 20.66
CA TYR A 163 39.16 9.31 21.69
C TYR A 163 38.30 8.26 20.98
N ILE A 164 36.97 8.36 20.99
CA ILE A 164 36.10 7.38 20.26
C ILE A 164 35.75 7.92 18.85
N ALA A 165 36.58 8.82 18.30
CA ALA A 165 36.47 9.35 16.92
C ALA A 165 37.06 8.33 15.95
N LYS A 166 38.08 7.56 16.38
CA LYS A 166 38.59 6.35 15.69
C LYS A 166 37.43 5.36 15.48
N GLN A 167 36.78 4.87 16.56
CA GLN A 167 35.65 3.91 16.46
C GLN A 167 34.70 4.32 15.32
N LYS A 168 34.18 5.55 15.34
CA LYS A 168 33.13 5.99 14.37
C LYS A 168 33.75 6.26 13.00
N ARG A 169 35.01 6.70 12.94
CA ARG A 169 35.77 6.76 11.65
C ARG A 169 35.75 5.33 11.08
N LEU A 170 36.04 4.32 11.92
CA LEU A 170 36.08 2.87 11.54
C LEU A 170 34.67 2.37 11.19
N LYS A 171 33.72 2.51 12.10
CA LYS A 171 32.34 2.05 11.88
C LYS A 171 31.86 2.62 10.54
N SER A 172 32.08 3.90 10.28
CA SER A 172 31.59 4.51 9.03
C SER A 172 32.38 3.96 7.85
N LYS A 173 33.67 3.70 8.03
CA LYS A 173 34.47 3.18 6.90
C LYS A 173 33.91 1.80 6.50
N LEU A 174 33.53 0.97 7.47
CA LEU A 174 33.04 -0.38 7.16
C LEU A 174 31.69 -0.31 6.44
N LEU A 175 30.77 0.53 6.86
CA LEU A 175 29.46 0.54 6.16
C LEU A 175 29.64 1.11 4.77
N ASP A 176 30.59 2.02 4.62
CA ASP A 176 30.92 2.54 3.28
C ASP A 176 31.44 1.39 2.41
N HIS A 177 32.42 0.64 2.91
CA HIS A 177 32.93 -0.55 2.20
C HIS A 177 31.75 -1.46 1.81
N ASP A 178 30.88 -1.76 2.75
CA ASP A 178 29.79 -2.71 2.48
C ASP A 178 28.86 -2.14 1.42
N ASN A 179 28.65 -0.83 1.45
CA ASN A 179 27.62 -0.18 0.61
C ASN A 179 28.15 -0.08 -0.82
N VAL A 180 29.44 0.11 -1.00
CA VAL A 180 30.04 0.11 -2.37
C VAL A 180 29.98 -1.32 -2.91
N LYS A 181 30.32 -2.30 -2.10
CA LYS A 181 30.26 -3.74 -2.49
C LYS A 181 28.84 -4.09 -2.98
N TYR A 182 27.83 -3.72 -2.21
CA TYR A 182 26.43 -3.94 -2.58
C TYR A 182 26.16 -3.30 -3.93
N LEU A 183 26.50 -2.04 -4.06
CA LEU A 183 26.12 -1.27 -5.29
C LEU A 183 26.84 -1.89 -6.51
N LYS A 184 28.10 -2.27 -6.37
CA LYS A 184 28.79 -2.91 -7.52
C LYS A 184 28.14 -4.25 -7.83
N LYS A 185 27.67 -4.97 -6.83
CA LYS A 185 27.01 -6.26 -7.05
C LYS A 185 25.75 -6.05 -7.91
N ILE A 186 24.89 -5.10 -7.54
CA ILE A 186 23.61 -4.93 -8.26
C ILE A 186 23.82 -4.22 -9.60
N LEU A 187 24.86 -3.43 -9.77
CA LEU A 187 25.17 -2.88 -11.11
C LEU A 187 25.62 -4.01 -12.05
N ASP A 188 26.35 -5.01 -11.57
CA ASP A 188 26.67 -6.20 -12.38
C ASP A 188 25.41 -7.01 -12.68
N GLU A 189 24.51 -7.13 -11.71
CA GLU A 189 23.26 -7.85 -12.01
C GLU A 189 22.48 -7.09 -13.08
N LEU A 190 22.50 -5.76 -13.02
CA LEU A 190 21.76 -4.93 -13.99
C LEU A 190 22.35 -5.21 -15.39
N GLU A 191 23.68 -5.29 -15.52
CA GLU A 191 24.31 -5.62 -16.82
C GLU A 191 23.79 -6.94 -17.36
N LYS A 192 23.62 -7.93 -16.52
CA LYS A 192 23.14 -9.26 -17.01
C LYS A 192 21.70 -9.14 -17.46
N VAL A 193 20.89 -8.30 -16.83
CA VAL A 193 19.49 -8.11 -17.29
C VAL A 193 19.55 -7.42 -18.66
N LEU A 194 20.37 -6.41 -18.80
CA LEU A 194 20.36 -5.65 -20.05
C LEU A 194 20.97 -6.49 -21.17
N ASP A 195 21.86 -7.41 -20.87
CA ASP A 195 22.39 -8.38 -21.85
C ASP A 195 21.27 -9.25 -22.38
N GLN A 196 20.40 -9.75 -21.52
CA GLN A 196 19.23 -10.54 -21.96
C GLN A 196 18.33 -9.68 -22.85
N VAL A 197 18.12 -8.44 -22.50
CA VAL A 197 17.24 -7.51 -23.27
C VAL A 197 17.88 -7.25 -24.64
N GLU A 198 19.17 -7.00 -24.67
CA GLU A 198 19.93 -6.72 -25.91
C GLU A 198 19.78 -7.91 -26.85
N THR A 199 19.86 -9.12 -26.31
CA THR A 199 19.76 -10.36 -27.12
C THR A 199 18.35 -10.44 -27.66
N GLU A 200 17.37 -10.18 -26.83
CA GLU A 200 15.96 -10.24 -27.26
C GLU A 200 15.74 -9.25 -28.42
N LEU A 201 16.28 -8.05 -28.29
CA LEU A 201 16.08 -7.00 -29.31
C LEU A 201 16.85 -7.37 -30.58
N GLN A 202 17.96 -8.11 -30.46
CA GLN A 202 18.68 -8.66 -31.61
C GLN A 202 17.79 -9.63 -32.39
N ARG A 203 17.03 -10.47 -31.71
CA ARG A 203 16.13 -11.43 -32.37
C ARG A 203 15.06 -10.64 -33.12
N ARG A 204 14.52 -9.58 -32.51
CA ARG A 204 13.53 -8.72 -33.19
C ARG A 204 14.16 -8.15 -34.50
N ASN A 205 15.43 -7.73 -34.47
CA ASN A 205 16.05 -7.12 -35.66
C ASN A 205 16.22 -8.12 -36.76
N GLU A 206 16.73 -9.28 -36.42
CA GLU A 206 16.92 -10.39 -37.37
C GLU A 206 15.61 -10.81 -38.03
N GLU A 207 14.53 -10.86 -37.29
CA GLU A 207 13.20 -11.28 -37.78
C GLU A 207 12.59 -10.21 -38.70
N THR A 208 12.97 -8.95 -38.55
CA THR A 208 12.23 -7.83 -39.18
C THR A 208 13.04 -7.23 -40.31
N PRO A 209 12.45 -7.06 -41.51
CA PRO A 209 13.12 -6.29 -42.56
C PRO A 209 13.54 -4.90 -42.06
N GLU A 210 14.73 -4.46 -42.46
CA GLU A 210 15.37 -3.24 -41.87
C GLU A 210 14.58 -1.99 -42.25
N GLU A 211 13.88 -2.01 -43.38
CA GLU A 211 13.02 -0.88 -43.84
C GLU A 211 11.63 -1.17 -43.32
N GLY A 212 10.91 -0.13 -42.93
CA GLY A 212 9.53 -0.29 -42.45
C GLY A 212 9.49 -0.40 -40.95
N GLN A 213 8.32 -0.77 -40.46
CA GLN A 213 7.97 -0.59 -39.05
C GLN A 213 8.67 -1.72 -38.28
N GLN A 214 9.17 -1.37 -37.12
CA GLN A 214 9.95 -2.30 -36.31
C GLN A 214 9.09 -2.73 -35.15
N PRO A 215 9.22 -3.99 -34.70
CA PRO A 215 8.54 -4.41 -33.48
C PRO A 215 9.11 -3.74 -32.21
N TRP A 216 8.42 -3.94 -31.11
CA TRP A 216 8.92 -3.57 -29.77
C TRP A 216 9.63 -4.78 -29.14
N LEU A 217 9.85 -4.78 -27.84
CA LEU A 217 10.75 -5.80 -27.23
C LEU A 217 10.29 -7.22 -27.52
N CYS A 218 9.01 -7.49 -27.44
CA CYS A 218 8.49 -8.86 -27.40
C CYS A 218 7.74 -9.20 -28.69
N GLY A 219 7.57 -8.24 -29.59
CA GLY A 219 6.71 -8.41 -30.77
C GLY A 219 6.22 -7.07 -31.24
N GLU A 220 5.26 -7.08 -32.09
CA GLU A 220 4.84 -5.86 -32.80
C GLU A 220 4.26 -4.84 -31.83
N SER A 221 3.45 -5.26 -30.88
CA SER A 221 2.70 -4.35 -29.96
C SER A 221 3.58 -3.83 -28.82
N PHE A 222 3.32 -2.61 -28.40
CA PHE A 222 3.88 -2.02 -27.19
C PHE A 222 3.17 -2.68 -26.00
N THR A 223 3.93 -3.30 -25.10
CA THR A 223 3.37 -4.08 -23.96
C THR A 223 3.88 -3.50 -22.64
N LEU A 224 3.40 -4.09 -21.57
CA LEU A 224 3.84 -3.78 -20.19
C LEU A 224 5.32 -4.00 -20.06
N ALA A 225 5.89 -4.93 -20.79
CA ALA A 225 7.34 -5.12 -20.69
C ALA A 225 8.03 -3.90 -21.31
N ASP A 226 7.47 -3.30 -22.36
CA ASP A 226 8.06 -2.08 -22.96
C ASP A 226 7.92 -0.90 -21.99
N VAL A 227 6.80 -0.80 -21.30
CA VAL A 227 6.60 0.24 -20.29
C VAL A 227 7.71 0.15 -19.26
N SER A 228 7.88 -1.02 -18.68
CA SER A 228 8.91 -1.26 -17.66
C SER A 228 10.30 -0.92 -18.24
N LEU A 229 10.57 -1.37 -19.45
CA LEU A 229 11.92 -1.15 -20.05
C LEU A 229 12.14 0.34 -20.29
N ALA A 230 11.19 1.02 -20.92
CA ALA A 230 11.34 2.43 -21.32
C ALA A 230 11.56 3.25 -20.03
N VAL A 231 10.74 3.03 -19.03
CA VAL A 231 10.82 3.89 -17.82
C VAL A 231 12.11 3.58 -17.07
N THR A 232 12.54 2.33 -17.06
CA THR A 232 13.82 1.91 -16.45
C THR A 232 14.98 2.62 -17.15
N LEU A 233 15.03 2.60 -18.48
CA LEU A 233 16.17 3.17 -19.21
C LEU A 233 16.23 4.67 -18.91
N HIS A 234 15.10 5.34 -18.91
CA HIS A 234 15.05 6.81 -18.74
C HIS A 234 15.58 7.18 -17.36
N ARG A 235 15.30 6.37 -16.34
CA ARG A 235 15.78 6.61 -14.98
C ARG A 235 17.27 6.32 -14.88
N LEU A 236 17.74 5.23 -15.50
CA LEU A 236 19.18 4.96 -15.53
C LEU A 236 19.95 6.14 -16.16
N LYS A 237 19.38 6.71 -17.20
CA LYS A 237 19.95 7.91 -17.84
C LYS A 237 20.04 9.03 -16.81
N PHE A 238 18.96 9.30 -16.13
CA PHE A 238 18.90 10.35 -15.09
C PHE A 238 19.98 10.12 -14.05
N LEU A 239 20.19 8.87 -13.65
CA LEU A 239 21.13 8.56 -12.54
C LEU A 239 22.56 8.51 -13.03
N GLY A 240 22.80 8.52 -14.34
CA GLY A 240 24.18 8.42 -14.87
C GLY A 240 24.65 6.98 -14.91
N PHE A 241 23.73 6.05 -15.06
CA PHE A 241 24.09 4.62 -15.22
C PHE A 241 23.81 4.19 -16.67
N ALA A 242 23.65 5.12 -17.59
CA ALA A 242 23.42 4.83 -19.02
C ALA A 242 24.76 4.54 -19.72
N ARG A 243 25.79 5.36 -19.55
CA ARG A 243 27.02 5.21 -20.40
C ARG A 243 27.75 3.91 -20.12
N ARG A 244 27.69 3.34 -18.95
CA ARG A 244 28.33 2.03 -18.73
C ARG A 244 27.50 0.94 -19.40
N ASN A 245 26.22 1.18 -19.72
CA ASN A 245 25.34 0.08 -20.16
C ASN A 245 25.01 0.17 -21.65
N TRP A 246 25.05 1.34 -22.28
CA TRP A 246 24.83 1.44 -23.73
C TRP A 246 25.47 2.70 -24.29
N GLY A 247 25.69 2.68 -25.59
CA GLY A 247 26.30 3.84 -26.29
C GLY A 247 27.73 3.54 -26.65
N ASN A 248 28.21 4.28 -27.65
CA ASN A 248 29.61 4.18 -28.13
C ASN A 248 29.93 2.71 -28.48
N GLY A 249 29.02 1.96 -29.10
CA GLY A 249 29.26 0.58 -29.57
C GLY A 249 28.74 -0.47 -28.61
N LYS A 250 28.47 -0.15 -27.35
CA LYS A 250 27.93 -1.13 -26.38
C LYS A 250 26.39 -1.19 -26.54
N ARG A 251 25.85 -2.39 -26.56
CA ARG A 251 24.41 -2.69 -26.63
C ARG A 251 23.71 -1.75 -27.61
N PRO A 252 24.07 -1.80 -28.90
CA PRO A 252 23.49 -0.86 -29.85
C PRO A 252 21.98 -1.03 -30.08
N ASN A 253 21.45 -2.24 -29.92
CA ASN A 253 19.98 -2.45 -30.08
C ASN A 253 19.27 -1.71 -28.94
N LEU A 254 19.84 -1.77 -27.75
CA LEU A 254 19.22 -1.10 -26.58
C LEU A 254 19.25 0.41 -26.80
N GLU A 255 20.36 0.92 -27.30
CA GLU A 255 20.49 2.36 -27.59
C GLU A 255 19.45 2.79 -28.64
N THR A 256 19.32 2.04 -29.73
CA THR A 256 18.30 2.33 -30.74
C THR A 256 16.91 2.28 -30.09
N TYR A 257 16.65 1.32 -29.23
CA TYR A 257 15.32 1.22 -28.56
C TYR A 257 15.08 2.48 -27.72
N TYR A 258 16.07 2.91 -26.96
CA TYR A 258 15.89 4.08 -26.08
C TYR A 258 15.62 5.30 -26.93
N GLU A 259 16.39 5.52 -27.98
CA GLU A 259 16.18 6.72 -28.84
C GLU A 259 14.80 6.67 -29.49
N ARG A 260 14.32 5.50 -29.84
CA ARG A 260 12.96 5.40 -30.41
C ARG A 260 11.86 5.69 -29.37
N VAL A 261 11.99 5.14 -28.19
CA VAL A 261 10.94 5.38 -27.19
C VAL A 261 10.87 6.87 -26.79
N LEU A 262 11.97 7.62 -26.76
CA LEU A 262 11.92 9.08 -26.52
C LEU A 262 11.01 9.79 -27.53
N LYS A 263 10.92 9.31 -28.76
CA LYS A 263 10.13 9.96 -29.82
C LYS A 263 8.69 9.44 -29.80
N ARG A 264 8.36 8.38 -29.07
CA ARG A 264 7.00 7.84 -29.03
C ARG A 264 6.13 8.92 -28.40
N LYS A 265 4.98 9.18 -28.97
CA LYS A 265 4.16 10.36 -28.60
C LYS A 265 3.67 10.24 -27.16
N THR A 266 3.19 9.07 -26.77
CA THR A 266 2.71 8.85 -25.38
C THR A 266 3.87 9.08 -24.39
N PHE A 267 5.01 8.45 -24.61
CA PHE A 267 6.16 8.58 -23.70
C PHE A 267 6.54 10.06 -23.57
N ASN A 268 6.67 10.75 -24.68
CA ASN A 268 7.00 12.19 -24.68
C ASN A 268 5.92 13.00 -24.00
N LYS A 269 4.64 12.69 -24.18
CA LYS A 269 3.57 13.51 -23.56
C LYS A 269 3.64 13.35 -22.05
N VAL A 270 3.97 12.18 -21.54
CA VAL A 270 3.80 11.85 -20.11
C VAL A 270 5.12 12.12 -19.39
N LEU A 271 6.24 11.73 -19.99
CA LEU A 271 7.56 11.71 -19.35
C LEU A 271 8.55 12.67 -20.01
N GLY A 272 8.14 13.48 -20.98
CA GLY A 272 9.12 14.27 -21.75
C GLY A 272 9.96 15.22 -20.89
N HIS A 273 9.49 15.67 -19.74
CA HIS A 273 10.25 16.60 -18.87
C HIS A 273 10.64 15.99 -17.51
N VAL A 274 10.36 14.71 -17.23
CA VAL A 274 10.58 14.20 -15.85
C VAL A 274 12.07 14.17 -15.49
N ASN A 275 12.98 14.23 -16.44
CA ASN A 275 14.42 14.22 -16.18
C ASN A 275 15.00 15.64 -16.16
N ASN A 276 14.18 16.65 -16.34
CA ASN A 276 14.68 18.03 -16.49
C ASN A 276 14.62 18.74 -15.15
N ILE A 277 15.77 18.95 -14.50
CA ILE A 277 15.77 19.55 -13.13
C ILE A 277 15.43 21.04 -13.20
N LEU A 278 15.35 21.66 -14.38
CA LEU A 278 14.97 23.08 -14.46
C LEU A 278 13.47 23.25 -14.24
N ILE A 279 12.72 22.18 -14.35
CA ILE A 279 11.23 22.20 -14.30
C ILE A 279 10.86 21.60 -12.96
N SER A 280 10.15 22.37 -12.14
CA SER A 280 9.78 21.98 -10.76
C SER A 280 8.82 20.76 -10.72
N GLU B 1 -5.55 24.26 5.24
CA GLU B 1 -4.85 24.37 3.91
C GLU B 1 -4.32 22.99 3.47
N VAL B 2 -3.74 22.19 4.36
CA VAL B 2 -3.31 20.80 4.03
C VAL B 2 -4.37 19.82 4.53
N LYS B 3 -5.21 19.34 3.63
CA LYS B 3 -6.31 18.44 4.00
C LYS B 3 -5.75 17.06 4.35
N LEU B 4 -6.43 16.41 5.27
CA LEU B 4 -6.45 14.95 5.45
C LEU B 4 -7.56 14.41 4.59
N ILE B 5 -7.25 13.47 3.71
CA ILE B 5 -8.24 12.79 2.84
C ILE B 5 -8.17 11.28 3.13
N LEU B 6 -9.32 10.66 3.36
CA LEU B 6 -9.41 9.20 3.58
C LEU B 6 -10.39 8.65 2.57
N TYR B 7 -9.93 7.68 1.81
CA TYR B 7 -10.84 6.85 0.98
C TYR B 7 -10.93 5.51 1.66
N HIS B 8 -12.14 5.01 1.82
CA HIS B 8 -12.43 3.85 2.70
C HIS B 8 -13.79 3.25 2.35
N TRP B 9 -14.08 2.12 2.98
N TRP B 9 -14.06 2.05 2.86
CA TRP B 9 -15.42 1.48 2.97
CA TRP B 9 -15.40 1.38 2.93
C TRP B 9 -15.95 1.54 4.39
C TRP B 9 -15.93 1.56 4.35
N THR B 10 -17.10 2.19 4.55
CA THR B 10 -17.74 2.35 5.87
C THR B 10 -17.73 1.04 6.68
N HIS B 11 -18.09 -0.10 6.11
CA HIS B 11 -18.32 -1.31 6.92
C HIS B 11 -17.05 -2.16 6.98
N SER B 12 -16.00 -1.76 6.32
CA SER B 12 -14.69 -2.47 6.41
C SER B 12 -14.18 -2.39 7.86
N PHE B 13 -13.74 -3.51 8.38
CA PHE B 13 -13.16 -3.60 9.75
C PHE B 13 -11.99 -2.62 9.88
N SER B 14 -11.11 -2.64 8.90
CA SER B 14 -9.93 -1.73 8.82
C SER B 14 -10.36 -0.29 8.88
N SER B 15 -11.31 0.09 8.03
CA SER B 15 -11.74 1.49 7.93
C SER B 15 -12.24 1.94 9.30
N GLN B 16 -12.93 1.04 10.03
CA GLN B 16 -13.57 1.42 11.31
C GLN B 16 -12.46 1.79 12.33
N LYS B 17 -11.39 1.02 12.40
CA LYS B 17 -10.27 1.34 13.33
C LYS B 17 -9.67 2.70 12.90
N VAL B 18 -9.47 2.93 11.61
CA VAL B 18 -8.86 4.22 11.14
C VAL B 18 -9.76 5.36 11.55
N ARG B 19 -11.05 5.25 11.27
CA ARG B 19 -11.99 6.40 11.54
C ARG B 19 -12.14 6.61 13.05
N LEU B 20 -12.06 5.55 13.85
CA LEU B 20 -12.20 5.72 15.30
C LEU B 20 -10.93 6.44 15.81
N VAL B 21 -9.77 6.12 15.30
CA VAL B 21 -8.51 6.85 15.64
C VAL B 21 -8.65 8.31 15.23
N ILE B 22 -9.10 8.59 14.02
CA ILE B 22 -9.27 10.01 13.60
C ILE B 22 -10.14 10.73 14.62
N ALA B 23 -11.23 10.12 15.07
CA ALA B 23 -12.18 10.76 16.01
C ALA B 23 -11.53 10.93 17.39
N GLU B 24 -10.82 9.91 17.87
CA GLU B 24 -10.15 9.95 19.19
C GLU B 24 -9.03 10.99 19.20
N LYS B 25 -8.39 11.27 18.06
CA LYS B 25 -7.34 12.31 17.92
C LYS B 25 -7.98 13.66 17.56
N ALA B 26 -9.30 13.73 17.40
CA ALA B 26 -10.03 15.00 17.12
C ALA B 26 -9.48 15.67 15.86
N LEU B 27 -9.16 14.91 14.81
CA LEU B 27 -8.62 15.48 13.57
C LEU B 27 -9.76 15.78 12.60
N LYS B 28 -9.61 16.83 11.82
CA LYS B 28 -10.53 17.10 10.71
C LYS B 28 -10.06 16.29 9.49
N CYS B 29 -10.96 15.53 8.88
CA CYS B 29 -10.63 14.64 7.75
C CYS B 29 -11.77 14.63 6.74
N GLU B 30 -11.46 14.80 5.47
CA GLU B 30 -12.43 14.61 4.35
C GLU B 30 -12.55 13.11 4.05
N GLU B 31 -13.67 12.50 4.40
CA GLU B 31 -13.82 11.03 4.40
C GLU B 31 -14.68 10.66 3.22
N HIS B 32 -14.16 9.83 2.31
CA HIS B 32 -14.91 9.38 1.12
C HIS B 32 -15.20 7.90 1.28
N ASP B 33 -16.44 7.55 1.57
CA ASP B 33 -16.92 6.16 1.55
C ASP B 33 -17.12 5.82 0.08
N VAL B 34 -16.29 4.97 -0.51
CA VAL B 34 -16.45 4.63 -1.95
C VAL B 34 -17.39 3.43 -2.12
N SER B 35 -17.86 2.80 -1.06
CA SER B 35 -18.78 1.64 -1.23
C SER B 35 -20.14 2.07 -1.76
N LEU B 36 -20.77 1.18 -2.49
CA LEU B 36 -22.13 1.38 -3.07
C LEU B 36 -23.14 0.64 -2.22
N PRO B 37 -24.36 1.20 -2.07
CA PRO B 37 -25.43 0.47 -1.39
C PRO B 37 -25.65 -0.92 -2.00
N LEU B 38 -25.61 -1.02 -3.32
CA LEU B 38 -25.84 -2.29 -4.05
C LEU B 38 -24.73 -2.52 -5.06
N SER B 39 -24.20 -3.74 -5.03
CA SER B 39 -23.16 -4.23 -5.95
C SER B 39 -23.81 -4.48 -7.32
N GLU B 40 -22.96 -4.77 -8.30
CA GLU B 40 -23.36 -5.19 -9.67
C GLU B 40 -24.37 -6.35 -9.55
N HIS B 41 -24.17 -7.25 -8.60
CA HIS B 41 -25.07 -8.41 -8.37
C HIS B 41 -26.20 -8.03 -7.39
N ASN B 42 -26.48 -6.73 -7.25
CA ASN B 42 -27.50 -6.18 -6.31
C ASN B 42 -27.40 -6.87 -4.92
N GLU B 43 -26.20 -7.02 -4.39
CA GLU B 43 -25.93 -7.48 -3.01
C GLU B 43 -25.65 -6.27 -2.11
N PRO B 44 -26.15 -6.25 -0.86
CA PRO B 44 -25.89 -5.15 0.06
C PRO B 44 -24.59 -5.35 0.82
N TRP B 45 -24.19 -4.35 1.60
CA TRP B 45 -22.86 -4.34 2.22
C TRP B 45 -22.61 -5.62 3.01
N PHE B 46 -23.62 -6.19 3.65
CA PHE B 46 -23.36 -7.30 4.60
C PHE B 46 -23.09 -8.63 3.86
N MET B 47 -23.08 -8.63 2.53
CA MET B 47 -22.74 -9.85 1.76
C MET B 47 -21.40 -9.66 1.04
N ARG B 48 -20.62 -8.65 1.41
CA ARG B 48 -19.40 -8.26 0.66
C ARG B 48 -18.27 -7.97 1.65
N LEU B 49 -18.22 -8.69 2.76
CA LEU B 49 -17.46 -8.21 3.93
C LEU B 49 -15.96 -8.44 3.76
N ASN B 50 -15.51 -9.50 3.12
CA ASN B 50 -14.15 -9.39 2.54
C ASN B 50 -14.26 -9.70 1.06
N SER B 51 -15.07 -8.94 0.32
CA SER B 51 -15.21 -9.13 -1.16
C SER B 51 -13.81 -9.19 -1.79
N THR B 52 -12.89 -8.31 -1.37
CA THR B 52 -11.55 -8.11 -1.95
C THR B 52 -10.51 -8.03 -0.84
N GLY B 53 -9.21 -8.10 -1.19
CA GLY B 53 -8.09 -7.86 -0.26
C GLY B 53 -7.54 -6.43 -0.31
N GLU B 54 -8.41 -5.42 -0.42
CA GLU B 54 -8.05 -3.99 -0.60
C GLU B 54 -8.11 -3.21 0.73
N VAL B 55 -7.31 -2.15 0.80
CA VAL B 55 -7.09 -1.37 2.04
C VAL B 55 -7.60 0.07 1.90
N PRO B 56 -7.95 0.75 3.00
CA PRO B 56 -8.17 2.18 2.95
C PRO B 56 -6.83 2.92 2.69
N VAL B 57 -6.96 4.17 2.31
CA VAL B 57 -5.78 4.99 1.92
C VAL B 57 -5.98 6.42 2.47
N LEU B 58 -4.93 6.95 3.06
CA LEU B 58 -4.90 8.33 3.58
C LEU B 58 -3.97 9.15 2.68
N ILE B 59 -4.45 10.31 2.24
CA ILE B 59 -3.61 11.32 1.57
C ILE B 59 -3.49 12.56 2.48
N HIS B 60 -2.27 12.96 2.75
CA HIS B 60 -1.97 14.11 3.65
C HIS B 60 -0.80 14.87 3.07
N GLY B 61 -1.08 15.95 2.37
CA GLY B 61 -0.04 16.67 1.64
C GLY B 61 0.59 15.78 0.58
N GLU B 62 1.91 15.61 0.69
CA GLU B 62 2.79 14.76 -0.13
C GLU B 62 2.69 13.28 0.22
N ASN B 63 2.04 12.92 1.30
CA ASN B 63 2.15 11.55 1.86
C ASN B 63 0.91 10.76 1.47
N ILE B 64 1.12 9.58 0.92
CA ILE B 64 0.04 8.62 0.60
C ILE B 64 0.33 7.39 1.44
N ILE B 65 -0.61 6.99 2.29
CA ILE B 65 -0.40 5.84 3.19
C ILE B 65 -1.58 4.90 3.02
N CYS B 66 -1.29 3.64 2.77
CA CYS B 66 -2.26 2.54 2.60
C CYS B 66 -2.19 1.63 3.83
N GLU B 67 -3.34 1.03 4.16
CA GLU B 67 -3.51 -0.04 5.17
C GLU B 67 -3.74 0.62 6.52
N ALA B 68 -4.64 0.05 7.31
CA ALA B 68 -5.09 0.65 8.58
C ALA B 68 -3.91 0.79 9.55
N THR B 69 -3.11 -0.25 9.74
CA THR B 69 -2.01 -0.17 10.73
C THR B 69 -1.09 1.00 10.34
N GLN B 70 -0.61 1.02 9.09
CA GLN B 70 0.33 2.07 8.62
C GLN B 70 -0.35 3.44 8.70
N ILE B 71 -1.62 3.56 8.36
CA ILE B 71 -2.30 4.88 8.41
C ILE B 71 -2.30 5.33 9.88
N ILE B 72 -2.66 4.42 10.78
CA ILE B 72 -2.82 4.75 12.21
C ILE B 72 -1.43 5.13 12.76
N ASP B 73 -0.39 4.36 12.44
CA ASP B 73 0.99 4.74 12.86
C ASP B 73 1.34 6.13 12.31
N TYR B 74 1.04 6.42 11.06
CA TYR B 74 1.31 7.75 10.46
C TYR B 74 0.59 8.81 11.28
N LEU B 75 -0.67 8.60 11.57
CA LEU B 75 -1.46 9.61 12.31
C LEU B 75 -0.82 9.88 13.69
N GLU B 76 -0.36 8.83 14.38
CA GLU B 76 0.19 8.95 15.75
C GLU B 76 1.51 9.75 15.67
N GLN B 77 2.30 9.54 14.61
CA GLN B 77 3.65 10.12 14.43
C GLN B 77 3.59 11.56 13.93
N THR B 78 2.49 11.98 13.30
CA THR B 78 2.43 13.25 12.52
C THR B 78 1.74 14.36 13.30
N PHE B 79 0.64 14.07 13.97
CA PHE B 79 -0.21 15.08 14.66
C PHE B 79 0.23 15.19 16.12
N LEU B 80 1.25 16.01 16.38
CA LEU B 80 1.97 16.09 17.67
C LEU B 80 1.66 17.40 18.41
N ASP B 81 0.79 18.26 17.88
CA ASP B 81 0.22 19.39 18.64
C ASP B 81 -0.18 18.94 20.06
N GLU B 82 0.00 19.82 21.03
CA GLU B 82 -0.11 19.52 22.48
C GLU B 82 -1.53 19.02 22.78
N ARG B 83 -2.54 19.62 22.16
CA ARG B 83 -3.99 19.33 22.37
C ARG B 83 -4.50 18.13 21.54
N THR B 84 -3.66 17.46 20.76
CA THR B 84 -4.03 16.22 20.05
C THR B 84 -3.77 15.05 20.98
N PRO B 85 -4.78 14.28 21.41
CA PRO B 85 -4.53 13.12 22.25
C PRO B 85 -3.58 12.09 21.60
N ARG B 86 -2.71 11.52 22.38
CA ARG B 86 -1.84 10.40 21.97
C ARG B 86 -2.58 9.12 22.33
N LEU B 87 -2.46 8.12 21.49
CA LEU B 87 -3.09 6.80 21.68
C LEU B 87 -2.00 5.76 21.93
N MET B 88 -0.74 6.13 21.91
CA MET B 88 0.36 5.21 22.32
C MET B 88 1.20 5.90 23.38
N PRO B 89 1.69 5.20 24.41
CA PRO B 89 2.79 5.77 25.19
C PRO B 89 4.06 5.88 24.34
N ASP B 90 4.92 6.81 24.73
CA ASP B 90 6.26 7.00 24.12
C ASP B 90 6.96 5.65 24.02
N LYS B 91 7.75 5.44 22.97
CA LYS B 91 8.44 4.15 22.71
C LYS B 91 9.43 3.80 23.83
N GLU B 92 9.93 4.79 24.58
CA GLU B 92 10.86 4.56 25.73
C GLU B 92 10.08 4.40 27.04
N SER B 93 8.76 4.60 27.06
CA SER B 93 7.96 4.30 28.26
C SER B 93 7.96 2.79 28.52
N MET B 94 7.81 2.42 29.78
CA MET B 94 7.70 1.00 30.22
C MET B 94 6.29 0.50 29.89
N TYR B 95 5.37 1.39 29.54
CA TYR B 95 3.97 0.98 29.22
C TYR B 95 3.86 0.59 27.76
N TYR B 96 4.83 1.02 26.97
CA TYR B 96 4.79 0.75 25.51
C TYR B 96 4.70 -0.76 25.31
N PRO B 97 5.56 -1.60 25.90
CA PRO B 97 5.46 -3.02 25.60
C PRO B 97 4.06 -3.60 25.81
N ARG B 98 3.33 -3.15 26.83
CA ARG B 98 2.01 -3.74 27.19
C ARG B 98 0.99 -3.38 26.12
N VAL B 99 0.92 -2.08 25.80
CA VAL B 99 0.01 -1.56 24.76
C VAL B 99 0.36 -2.24 23.43
N GLN B 100 1.63 -2.26 23.03
CA GLN B 100 2.00 -2.84 21.71
C GLN B 100 1.67 -4.34 21.69
N HIS B 101 1.93 -5.07 22.79
CA HIS B 101 1.63 -6.51 22.91
C HIS B 101 0.13 -6.74 22.63
N TYR B 102 -0.78 -5.97 23.25
CA TYR B 102 -2.23 -6.23 23.12
C TYR B 102 -2.70 -5.79 21.73
N ARG B 103 -2.19 -4.66 21.26
CA ARG B 103 -2.54 -4.16 19.90
C ARG B 103 -2.17 -5.25 18.89
N GLU B 104 -0.97 -5.79 18.97
CA GLU B 104 -0.50 -6.83 18.03
C GLU B 104 -1.32 -8.12 18.19
N LEU B 105 -1.60 -8.50 19.44
CA LEU B 105 -2.34 -9.76 19.73
C LEU B 105 -3.73 -9.62 19.08
N LEU B 106 -4.40 -8.49 19.24
CA LEU B 106 -5.80 -8.33 18.74
C LEU B 106 -5.80 -8.15 17.21
N ASP B 107 -4.83 -7.40 16.68
CA ASP B 107 -4.70 -7.17 15.23
C ASP B 107 -4.31 -8.49 14.53
N SER B 108 -3.78 -9.48 15.25
CA SER B 108 -3.42 -10.76 14.61
C SER B 108 -4.66 -11.67 14.46
N LEU B 109 -5.78 -11.34 15.11
CA LEU B 109 -7.01 -12.20 15.04
C LEU B 109 -7.47 -12.29 13.59
N PRO B 110 -7.78 -13.50 13.08
CA PRO B 110 -8.26 -13.66 11.70
C PRO B 110 -9.74 -13.32 11.56
N MET B 111 -10.04 -12.04 11.59
CA MET B 111 -11.44 -11.53 11.53
C MET B 111 -12.11 -11.99 10.23
N ASP B 112 -11.37 -12.06 9.14
CA ASP B 112 -11.89 -12.53 7.83
C ASP B 112 -12.38 -13.96 7.97
N ALA B 113 -11.65 -14.82 8.68
CA ALA B 113 -12.08 -16.21 8.84
C ALA B 113 -13.33 -16.28 9.73
N TYR B 114 -13.46 -15.42 10.74
CA TYR B 114 -14.66 -15.42 11.60
C TYR B 114 -15.87 -15.01 10.77
N THR B 115 -15.71 -14.04 9.88
CA THR B 115 -16.86 -13.56 9.11
C THR B 115 -17.28 -14.66 8.14
N HIS B 116 -16.35 -15.35 7.46
CA HIS B 116 -16.76 -16.39 6.49
C HIS B 116 -17.34 -17.55 7.28
N GLY B 117 -16.88 -17.78 8.51
CA GLY B 117 -17.42 -18.88 9.31
C GLY B 117 -18.81 -18.60 9.83
N CYS B 118 -19.05 -17.36 10.22
CA CYS B 118 -20.39 -16.89 10.61
C CYS B 118 -21.36 -17.17 9.47
N ILE B 119 -20.97 -16.87 8.24
CA ILE B 119 -21.87 -17.02 7.08
C ILE B 119 -21.95 -18.48 6.67
N LEU B 120 -20.82 -19.19 6.66
CA LEU B 120 -20.80 -20.59 6.18
C LEU B 120 -21.39 -21.53 7.21
N HIS B 121 -21.17 -21.28 8.50
CA HIS B 121 -21.54 -22.24 9.57
C HIS B 121 -22.27 -21.51 10.67
N PRO B 122 -23.47 -20.96 10.40
CA PRO B 122 -24.19 -20.14 11.37
C PRO B 122 -24.61 -20.95 12.60
N GLU B 123 -24.64 -22.29 12.53
CA GLU B 123 -24.90 -23.14 13.71
C GLU B 123 -23.86 -22.88 14.81
N LEU B 124 -22.69 -22.32 14.49
CA LEU B 124 -21.65 -21.98 15.51
C LEU B 124 -21.88 -20.58 16.12
N THR B 125 -22.85 -19.82 15.62
CA THR B 125 -23.17 -18.45 16.11
C THR B 125 -24.39 -18.50 17.03
N VAL B 126 -24.58 -17.42 17.78
CA VAL B 126 -25.85 -17.09 18.49
C VAL B 126 -26.18 -15.63 18.20
N ASP B 127 -27.35 -15.33 17.62
CA ASP B 127 -27.85 -13.94 17.38
C ASP B 127 -26.92 -13.26 16.40
N SER B 128 -26.53 -13.98 15.35
CA SER B 128 -25.88 -13.37 14.19
C SER B 128 -26.78 -12.24 13.69
N MET B 129 -26.19 -11.12 13.30
CA MET B 129 -26.96 -9.99 12.74
C MET B 129 -27.02 -10.05 11.21
N ILE B 130 -26.48 -11.12 10.61
CA ILE B 130 -26.47 -11.32 9.14
C ILE B 130 -27.66 -12.19 8.82
N PRO B 131 -28.52 -11.80 7.87
CA PRO B 131 -29.68 -12.59 7.53
C PRO B 131 -29.27 -14.01 7.09
N ALA B 132 -30.13 -14.97 7.40
CA ALA B 132 -29.93 -16.39 7.10
C ALA B 132 -29.81 -16.61 5.59
N TYR B 133 -30.46 -15.77 4.78
CA TYR B 133 -30.43 -15.98 3.32
C TYR B 133 -29.00 -15.76 2.80
N ALA B 134 -28.17 -14.95 3.45
CA ALA B 134 -26.75 -14.80 3.04
C ALA B 134 -26.08 -16.19 3.10
N THR B 135 -26.34 -16.95 4.16
CA THR B 135 -25.77 -18.30 4.29
C THR B 135 -26.17 -19.17 3.11
N THR B 136 -27.46 -19.21 2.77
CA THR B 136 -27.97 -20.17 1.76
C THR B 136 -27.49 -19.73 0.39
N ARG B 137 -27.24 -18.46 0.17
CA ARG B 137 -26.78 -17.98 -1.16
C ARG B 137 -25.31 -18.32 -1.38
N ILE B 138 -24.44 -18.05 -0.41
CA ILE B 138 -22.98 -18.35 -0.51
C ILE B 138 -22.74 -19.85 -0.63
N ARG B 139 -23.56 -20.65 0.06
CA ARG B 139 -23.43 -22.12 0.00
C ARG B 139 -23.95 -22.65 -1.34
N SER B 140 -24.83 -21.91 -2.01
CA SER B 140 -25.39 -22.32 -3.33
C SER B 140 -24.32 -22.08 -4.39
N GLN B 141 -23.75 -20.86 -4.45
CA GLN B 141 -22.80 -20.51 -5.53
C GLN B 141 -21.46 -21.22 -5.33
N ILE B 142 -21.18 -21.75 -4.14
CA ILE B 142 -20.18 -22.85 -4.00
C ILE B 142 -20.65 -24.08 -4.83
N GLY B 143 -21.84 -24.60 -4.54
CA GLY B 143 -22.34 -25.85 -5.13
C GLY B 143 -23.09 -25.64 -6.45
N HIS B 177 -10.16 -24.94 4.72
CA HIS B 177 -10.32 -23.46 4.58
C HIS B 177 -11.70 -23.05 5.08
N ASP B 178 -12.73 -23.70 4.53
CA ASP B 178 -14.18 -23.47 4.81
C ASP B 178 -14.72 -24.49 5.83
N ASN B 179 -13.86 -25.37 6.33
CA ASN B 179 -14.26 -26.57 7.10
C ASN B 179 -14.64 -26.18 8.52
N VAL B 180 -15.53 -26.99 9.09
CA VAL B 180 -15.99 -26.79 10.49
C VAL B 180 -14.81 -26.99 11.42
N LYS B 181 -13.99 -28.02 11.19
CA LYS B 181 -12.72 -28.29 11.92
C LYS B 181 -11.93 -26.99 12.12
N TYR B 182 -11.58 -26.35 11.02
CA TYR B 182 -10.74 -25.12 11.04
C TYR B 182 -11.44 -24.06 11.89
N LEU B 183 -12.72 -23.82 11.63
CA LEU B 183 -13.44 -22.73 12.29
C LEU B 183 -13.53 -22.99 13.81
N LYS B 184 -13.81 -24.23 14.21
CA LYS B 184 -13.87 -24.52 15.67
C LYS B 184 -12.48 -24.29 16.26
N LYS B 185 -11.43 -24.63 15.52
CA LYS B 185 -10.05 -24.45 16.02
C LYS B 185 -9.81 -22.97 16.31
N ILE B 186 -10.13 -22.08 15.37
CA ILE B 186 -9.78 -20.62 15.52
C ILE B 186 -10.74 -19.96 16.50
N LEU B 187 -11.97 -20.47 16.65
CA LEU B 187 -12.86 -19.94 17.71
C LEU B 187 -12.29 -20.26 19.09
N ASP B 188 -11.71 -21.44 19.29
CA ASP B 188 -11.03 -21.77 20.56
C ASP B 188 -9.78 -20.89 20.73
N GLU B 189 -9.02 -20.66 19.66
CA GLU B 189 -7.85 -19.74 19.73
C GLU B 189 -8.33 -18.36 20.15
N LEU B 190 -9.49 -17.93 19.63
CA LEU B 190 -10.08 -16.62 20.01
C LEU B 190 -10.37 -16.62 21.51
N GLU B 191 -10.91 -17.71 22.04
CA GLU B 191 -11.19 -17.85 23.50
C GLU B 191 -9.90 -17.61 24.28
N LYS B 192 -8.78 -18.14 23.84
CA LYS B 192 -7.51 -17.96 24.60
C LYS B 192 -7.07 -16.49 24.54
N VAL B 193 -7.33 -15.79 23.43
CA VAL B 193 -6.96 -14.36 23.38
C VAL B 193 -7.89 -13.61 24.33
N LEU B 194 -9.17 -13.95 24.35
CA LEU B 194 -10.12 -13.17 25.16
C LEU B 194 -9.90 -13.48 26.63
N ASP B 195 -9.42 -14.68 26.96
CA ASP B 195 -8.98 -15.02 28.34
C ASP B 195 -7.86 -14.08 28.78
N GLN B 196 -6.86 -13.85 27.91
CA GLN B 196 -5.74 -12.93 28.25
C GLN B 196 -6.27 -11.51 28.48
N VAL B 197 -7.23 -11.10 27.66
CA VAL B 197 -7.80 -9.73 27.76
C VAL B 197 -8.54 -9.63 29.09
N GLU B 198 -9.38 -10.62 29.38
CA GLU B 198 -10.21 -10.65 30.61
C GLU B 198 -9.29 -10.55 31.83
N THR B 199 -8.17 -11.27 31.82
CA THR B 199 -7.20 -11.24 32.92
C THR B 199 -6.63 -9.84 33.06
N GLU B 200 -6.26 -9.23 31.93
CA GLU B 200 -5.68 -7.88 31.96
C GLU B 200 -6.69 -6.90 32.56
N LEU B 201 -7.95 -7.03 32.17
CA LEU B 201 -9.00 -6.09 32.63
C LEU B 201 -9.25 -6.32 34.12
N GLN B 202 -9.06 -7.56 34.58
CA GLN B 202 -9.17 -7.90 36.02
C GLN B 202 -8.10 -7.12 36.81
N ARG B 203 -6.88 -7.05 36.29
CA ARG B 203 -5.77 -6.33 36.97
C ARG B 203 -6.14 -4.85 37.08
N ARG B 204 -6.74 -4.29 36.03
CA ARG B 204 -7.24 -2.90 36.03
C ARG B 204 -8.23 -2.73 37.17
N ASN B 205 -9.15 -3.69 37.36
CA ASN B 205 -10.22 -3.52 38.38
C ASN B 205 -9.62 -3.54 39.79
N GLU B 206 -8.72 -4.47 40.03
CA GLU B 206 -8.04 -4.64 41.33
C GLU B 206 -7.25 -3.39 41.69
N GLU B 207 -6.61 -2.78 40.72
CA GLU B 207 -5.78 -1.57 40.93
C GLU B 207 -6.64 -0.33 41.17
N THR B 208 -7.88 -0.31 40.68
CA THR B 208 -8.69 0.92 40.54
C THR B 208 -9.78 0.98 41.60
N PRO B 209 -9.87 2.11 42.34
CA PRO B 209 -10.97 2.32 43.28
C PRO B 209 -12.20 2.81 42.47
N GLU B 210 -13.09 3.57 43.10
CA GLU B 210 -14.10 4.36 42.34
C GLU B 210 -13.55 5.77 42.09
N GLN B 213 -13.38 8.38 35.81
CA GLN B 213 -11.97 7.93 36.04
C GLN B 213 -11.86 6.42 36.26
N GLN B 214 -12.37 5.59 35.37
CA GLN B 214 -12.00 4.15 35.41
C GLN B 214 -11.00 3.94 34.30
N PRO B 215 -10.00 3.06 34.45
CA PRO B 215 -9.05 2.83 33.38
C PRO B 215 -9.63 2.06 32.17
N TRP B 216 -8.92 2.11 31.05
CA TRP B 216 -9.16 1.27 29.86
C TRP B 216 -8.21 0.06 29.90
N LEU B 217 -8.03 -0.66 28.80
CA LEU B 217 -7.39 -2.00 28.85
C LEU B 217 -6.01 -1.91 29.53
N CYS B 218 -5.18 -0.94 29.19
CA CYS B 218 -3.74 -0.98 29.50
C CYS B 218 -3.39 0.00 30.63
N GLY B 219 -4.31 0.90 30.99
CA GLY B 219 -4.02 2.05 31.86
C GLY B 219 -5.14 3.06 31.77
N GLU B 220 -4.88 4.26 32.25
CA GLU B 220 -5.93 5.28 32.36
C GLU B 220 -6.39 5.69 30.98
N SER B 221 -5.47 5.81 30.02
CA SER B 221 -5.74 6.42 28.68
C SER B 221 -6.41 5.42 27.75
N PHE B 222 -7.30 5.91 26.89
CA PHE B 222 -7.77 5.12 25.72
C PHE B 222 -6.61 5.05 24.71
N THR B 223 -6.18 3.85 24.34
CA THR B 223 -5.02 3.61 23.44
C THR B 223 -5.44 2.85 22.17
N LEU B 224 -4.48 2.68 21.28
CA LEU B 224 -4.63 1.86 20.06
C LEU B 224 -5.03 0.44 20.44
N ALA B 225 -4.59 -0.10 21.58
CA ALA B 225 -5.03 -1.46 21.95
C ALA B 225 -6.56 -1.41 22.23
N ASP B 226 -7.08 -0.29 22.71
CA ASP B 226 -8.52 -0.17 22.99
C ASP B 226 -9.28 -0.04 21.68
N VAL B 227 -8.76 0.68 20.67
CA VAL B 227 -9.54 0.77 19.41
C VAL B 227 -9.56 -0.62 18.83
N SER B 228 -8.42 -1.34 18.80
CA SER B 228 -8.42 -2.73 18.28
C SER B 228 -9.46 -3.58 19.04
N LEU B 229 -9.50 -3.46 20.37
CA LEU B 229 -10.40 -4.32 21.18
C LEU B 229 -11.85 -3.90 20.93
N ALA B 230 -12.17 -2.62 20.99
CA ALA B 230 -13.54 -2.13 20.88
C ALA B 230 -14.10 -2.53 19.50
N VAL B 231 -13.33 -2.31 18.44
CA VAL B 231 -13.86 -2.57 17.07
C VAL B 231 -13.95 -4.08 16.90
N THR B 232 -13.03 -4.83 17.49
CA THR B 232 -13.08 -6.30 17.43
C THR B 232 -14.36 -6.82 18.10
N LEU B 233 -14.68 -6.33 19.31
CA LEU B 233 -15.82 -6.86 20.07
C LEU B 233 -17.09 -6.52 19.27
N HIS B 234 -17.19 -5.31 18.73
CA HIS B 234 -18.40 -4.87 18.02
C HIS B 234 -18.64 -5.76 16.78
N ARG B 235 -17.58 -6.17 16.11
CA ARG B 235 -17.72 -7.05 14.94
C ARG B 235 -18.08 -8.47 15.39
N LEU B 236 -17.47 -8.97 16.46
CA LEU B 236 -17.86 -10.29 16.99
C LEU B 236 -19.37 -10.28 17.32
N LYS B 237 -19.85 -9.20 17.91
CA LYS B 237 -21.27 -9.01 18.18
C LYS B 237 -22.08 -9.13 16.88
N PHE B 238 -21.68 -8.41 15.84
CA PHE B 238 -22.31 -8.45 14.51
C PHE B 238 -22.36 -9.89 14.01
N LEU B 239 -21.28 -10.65 14.20
CA LEU B 239 -21.17 -12.02 13.62
C LEU B 239 -21.93 -13.02 14.50
N GLY B 240 -22.34 -12.67 15.70
CA GLY B 240 -22.99 -13.65 16.60
C GLY B 240 -21.98 -14.49 17.37
N PHE B 241 -20.77 -13.97 17.57
CA PHE B 241 -19.74 -14.67 18.36
C PHE B 241 -19.54 -13.92 19.68
N ALA B 242 -20.48 -13.07 20.08
CA ALA B 242 -20.43 -12.39 21.40
C ALA B 242 -20.87 -13.35 22.51
N ARG B 243 -22.03 -14.00 22.38
CA ARG B 243 -22.65 -14.71 23.52
C ARG B 243 -21.78 -15.88 24.00
N ARG B 244 -21.05 -16.58 23.13
CA ARG B 244 -20.19 -17.70 23.56
C ARG B 244 -18.94 -17.15 24.27
N ASN B 245 -18.60 -15.88 24.11
CA ASN B 245 -17.32 -15.34 24.63
C ASN B 245 -17.56 -14.41 25.82
N TRP B 246 -18.74 -13.80 25.95
CA TRP B 246 -19.06 -12.99 27.15
C TRP B 246 -20.57 -12.85 27.33
N GLY B 247 -20.96 -12.46 28.53
CA GLY B 247 -22.37 -12.24 28.84
C GLY B 247 -22.84 -13.31 29.80
N ASN B 248 -23.86 -12.98 30.60
CA ASN B 248 -24.58 -13.96 31.45
C ASN B 248 -23.55 -14.70 32.34
N GLY B 249 -22.59 -13.97 32.91
CA GLY B 249 -21.63 -14.53 33.88
C GLY B 249 -20.28 -14.88 33.26
N LYS B 250 -20.18 -15.05 31.95
CA LYS B 250 -18.88 -15.36 31.31
C LYS B 250 -18.12 -14.05 31.04
N ARG B 251 -16.82 -14.03 31.35
CA ARG B 251 -15.90 -12.88 31.12
C ARG B 251 -16.60 -11.56 31.45
N PRO B 252 -17.01 -11.35 32.71
CA PRO B 252 -17.77 -10.15 33.06
C PRO B 252 -16.99 -8.85 32.88
N ASN B 253 -15.67 -8.84 33.06
CA ASN B 253 -14.87 -7.60 32.82
C ASN B 253 -14.98 -7.22 31.35
N LEU B 254 -14.91 -8.21 30.47
CA LEU B 254 -15.00 -7.98 29.01
C LEU B 254 -16.36 -7.41 28.68
N GLU B 255 -17.41 -7.98 29.26
CA GLU B 255 -18.79 -7.50 29.03
C GLU B 255 -18.92 -6.05 29.51
N THR B 256 -18.44 -5.75 30.69
CA THR B 256 -18.46 -4.36 31.21
C THR B 256 -17.65 -3.45 30.26
N TYR B 257 -16.53 -3.92 29.76
CA TYR B 257 -15.73 -3.10 28.82
C TYR B 257 -16.58 -2.82 27.57
N TYR B 258 -17.22 -3.86 27.03
CA TYR B 258 -17.97 -3.71 25.76
C TYR B 258 -19.10 -2.71 25.98
N GLU B 259 -19.84 -2.84 27.08
CA GLU B 259 -21.01 -1.96 27.34
C GLU B 259 -20.53 -0.52 27.48
N ARG B 260 -19.36 -0.32 28.06
CA ARG B 260 -18.86 1.06 28.28
C ARG B 260 -18.44 1.68 26.95
N VAL B 261 -17.70 0.92 26.16
CA VAL B 261 -17.28 1.36 24.80
C VAL B 261 -18.47 1.86 23.97
N LEU B 262 -19.61 1.14 23.99
CA LEU B 262 -20.85 1.53 23.22
C LEU B 262 -21.31 2.94 23.60
N LYS B 263 -21.08 3.36 24.83
CA LYS B 263 -21.55 4.67 25.34
C LYS B 263 -20.53 5.76 25.05
N ARG B 264 -19.26 5.40 24.80
CA ARG B 264 -18.18 6.39 24.54
C ARG B 264 -18.61 7.23 23.35
N LYS B 265 -18.56 8.54 23.45
CA LYS B 265 -19.22 9.41 22.44
C LYS B 265 -18.53 9.25 21.07
N THR B 266 -17.20 9.12 21.04
CA THR B 266 -16.45 8.97 19.78
C THR B 266 -16.89 7.67 19.11
N PHE B 267 -16.88 6.56 19.84
CA PHE B 267 -17.29 5.24 19.31
C PHE B 267 -18.70 5.34 18.75
N ASN B 268 -19.62 5.90 19.51
CA ASN B 268 -21.01 6.02 19.04
C ASN B 268 -21.10 6.93 17.82
N LYS B 269 -20.35 8.01 17.78
CA LYS B 269 -20.48 8.96 16.63
C LYS B 269 -19.97 8.28 15.36
N VAL B 270 -18.95 7.44 15.47
CA VAL B 270 -18.26 6.89 14.28
C VAL B 270 -18.88 5.55 13.88
N LEU B 271 -19.18 4.71 14.85
CA LEU B 271 -19.57 3.31 14.64
C LEU B 271 -20.98 2.99 15.14
N GLY B 272 -21.75 3.98 15.59
CA GLY B 272 -23.06 3.69 16.20
C GLY B 272 -24.01 2.90 15.30
N HIS B 273 -23.87 2.98 13.98
CA HIS B 273 -24.80 2.37 12.99
C HIS B 273 -24.12 1.28 12.16
N VAL B 274 -22.85 0.96 12.34
CA VAL B 274 -22.15 0.10 11.34
C VAL B 274 -22.66 -1.33 11.42
N ASN B 275 -23.36 -1.69 12.49
CA ASN B 275 -23.93 -3.04 12.68
C ASN B 275 -25.39 -3.09 12.23
N ASN B 276 -25.95 -1.98 11.76
CA ASN B 276 -27.38 -1.91 11.41
C ASN B 276 -27.56 -2.23 9.92
N ILE B 277 -28.07 -3.42 9.60
CA ILE B 277 -28.21 -3.81 8.16
C ILE B 277 -29.31 -2.99 7.47
N LEU B 278 -30.11 -2.20 8.18
CA LEU B 278 -31.16 -1.39 7.52
C LEU B 278 -30.53 -0.16 6.87
N ILE B 279 -29.32 0.18 7.23
CA ILE B 279 -28.69 1.47 6.83
C ILE B 279 -27.63 1.11 5.79
N SER B 280 -27.75 1.69 4.60
CA SER B 280 -26.93 1.28 3.43
C SER B 280 -25.47 1.74 3.62
C1 GOL C . 23.49 -4.37 2.57
O1 GOL C . 22.64 -3.34 2.05
C2 GOL C . 24.73 -3.77 3.20
O2 GOL C . 25.79 -4.73 3.27
C3 GOL C . 25.20 -2.54 2.46
O3 GOL C . 24.19 -1.54 2.50
H11 GOL C . 23.75 -4.98 1.84
H12 GOL C . 23.00 -4.89 3.24
HO1 GOL C . 21.93 -3.69 1.77
H2 GOL C . 24.49 -3.50 4.12
HO2 GOL C . 26.47 -4.42 2.87
H31 GOL C . 25.39 -2.78 1.52
H32 GOL C . 26.02 -2.20 2.88
HO3 GOL C . 24.11 -1.28 3.30
C1 GOL D . 3.79 -7.99 -27.96
O1 GOL D . 4.94 -7.29 -28.44
C2 GOL D . 3.20 -8.97 -28.96
O2 GOL D . 2.72 -8.32 -30.13
C3 GOL D . 2.08 -9.79 -28.33
O3 GOL D . 0.99 -9.95 -29.22
H11 GOL D . 3.10 -7.34 -27.72
H12 GOL D . 4.04 -8.48 -27.14
HO1 GOL D . 5.21 -6.79 -27.81
H2 GOL D . 3.92 -9.60 -29.23
HO2 GOL D . 1.91 -8.52 -30.23
H31 GOL D . 1.78 -9.33 -27.51
H32 GOL D . 2.44 -10.67 -28.08
HO3 GOL D . 1.27 -10.29 -29.95
C1 GOL E . -1.43 -17.87 -31.04
O1 GOL E . -0.70 -18.02 -29.83
C2 GOL E . -1.90 -16.43 -31.19
O2 GOL E . -1.66 -15.75 -29.96
C3 GOL E . -1.23 -15.69 -32.33
O3 GOL E . -1.12 -14.29 -32.07
H11 GOL E . -2.22 -18.46 -31.03
H12 GOL E . -0.87 -18.11 -31.80
HO1 GOL E . -0.48 -18.83 -29.78
H2 GOL E . -2.87 -16.44 -31.37
HO2 GOL E . -1.24 -15.05 -30.12
H31 GOL E . -1.75 -15.83 -33.16
H32 GOL E . -0.32 -16.06 -32.47
HO3 GOL E . -1.66 -14.09 -31.46
C1 EOH F . -0.81 -8.05 -27.48
C2 EOH F . -0.14 -7.18 -26.49
O EOH F . -2.20 -7.78 -27.68
H11 EOH F . -0.71 -8.99 -27.19
H12 EOH F . -0.35 -7.96 -28.34
H21 EOH F . 0.78 -7.49 -26.35
H22 EOH F . -0.62 -7.21 -25.65
H23 EOH F . -0.12 -6.27 -26.82
HO EOH F . -2.50 -7.31 -27.05
C1 GOL G . 21.35 20.50 -17.15
O1 GOL G . 21.79 20.13 -15.84
C2 GOL G . 19.96 21.10 -17.10
O2 GOL G . 20.01 22.29 -16.33
C3 GOL G . 19.32 21.35 -18.46
O3 GOL G . 17.95 20.95 -18.49
H11 GOL G . 21.35 19.71 -17.75
H12 GOL G . 21.97 21.18 -17.52
HO1 GOL G . 22.56 19.79 -15.91
H2 GOL G . 19.38 20.45 -16.61
HO2 GOL G . 19.68 22.91 -16.79
H31 GOL G . 19.83 20.84 -19.15
H32 GOL G . 19.39 22.30 -18.68
HO3 GOL G . 17.56 21.28 -17.82
C1 GOL H . -14.06 7.09 -17.67
O1 GOL H . -13.98 7.70 -16.39
C2 GOL H . -13.07 5.94 -17.81
O2 GOL H . -13.66 4.91 -18.59
C3 GOL H . -11.73 6.36 -18.38
O3 GOL H . -11.65 6.28 -19.81
H11 GOL H . -13.88 7.76 -18.36
H12 GOL H . -14.98 6.74 -17.80
HO1 GOL H . -14.52 8.32 -16.34
H2 GOL H . -12.91 5.58 -16.90
HO2 GOL H . -13.13 4.74 -19.25
H31 GOL H . -11.02 5.79 -17.98
H32 GOL H . -11.56 7.30 -18.10
HO3 GOL H . -11.87 5.50 -20.04
C1 EOH I . 15.05 5.29 -33.69
C2 EOH I . 14.60 6.70 -33.49
O EOH I . 16.21 4.88 -32.92
H11 EOH I . 15.25 5.16 -34.64
H12 EOH I . 14.30 4.70 -33.47
H21 EOH I . 13.74 6.83 -33.93
H22 EOH I . 15.26 7.30 -33.87
H23 EOH I . 14.51 6.88 -32.54
HO EOH I . 16.61 5.56 -32.62
C1 EOH J . 32.50 -8.61 3.53
C2 EOH J . 32.01 -7.53 4.46
O EOH J . 31.46 -9.37 2.80
H11 EOH J . 33.04 -9.23 4.04
H12 EOH J . 33.09 -8.18 2.86
H21 EOH J . 32.77 -6.99 4.75
H22 EOH J . 31.59 -7.94 5.23
H23 EOH J . 31.38 -6.96 4.00
HO EOH J . 30.73 -8.97 2.85
C1 EOH K . 10.51 2.50 -36.00
C2 EOH K . 11.93 2.05 -35.85
O EOH K . 9.52 1.50 -36.38
H11 EOH K . 10.49 3.22 -36.66
H12 EOH K . 10.23 2.89 -35.14
H21 EOH K . 12.49 2.83 -35.69
H22 EOH K . 12.22 1.62 -36.67
H23 EOH K . 12.00 1.43 -35.12
HO EOH K . 9.16 1.74 -37.11
C1 EOH L . 29.43 12.67 -12.99
C2 EOH L . 30.22 12.84 -14.26
O EOH L . 28.37 11.66 -13.00
H11 EOH L . 29.02 13.54 -12.77
H12 EOH L . 30.06 12.45 -12.27
H21 EOH L . 31.01 13.36 -14.08
H22 EOH L . 29.68 13.29 -14.93
H23 EOH L . 30.48 11.97 -14.60
HO EOH L . 28.65 10.96 -13.38
C1 GOL M . 10.73 7.66 -6.22
O1 GOL M . 11.59 7.47 -7.35
C2 GOL M . 10.06 6.39 -5.70
O2 GOL M . 8.69 6.65 -5.35
C3 GOL M . 10.14 5.19 -6.65
O3 GOL M . 8.87 4.62 -6.97
H11 GOL M . 10.03 8.31 -6.46
H12 GOL M . 11.26 8.05 -5.49
HO1 GOL M . 11.93 8.22 -7.56
H2 GOL M . 10.53 6.14 -4.88
HO2 GOL M . 8.22 6.07 -5.71
H31 GOL M . 10.69 4.50 -6.21
H32 GOL M . 10.58 5.47 -7.47
HO3 GOL M . 8.26 5.02 -6.54
C1 EOH N . 17.53 -8.59 -10.34
C2 EOH N . 18.66 -7.88 -9.72
O EOH N . 17.93 -9.50 -11.36
H11 EOH N . 16.92 -7.93 -10.73
H12 EOH N . 17.04 -9.09 -9.66
H21 EOH N . 18.32 -7.20 -9.12
H22 EOH N . 19.21 -7.47 -10.41
H23 EOH N . 19.19 -8.52 -9.22
HO EOH N . 18.75 -9.70 -11.26
O01 RF8 O . 8.16 3.96 -34.27
C02 RF8 O . 6.97 3.53 -34.55
O03 RF8 O . 6.35 3.91 -35.59
C04 RF8 O . 6.28 2.51 -33.64
C05 RF8 O . 4.74 2.56 -33.58
C06 RF8 O . 4.32 1.35 -32.73
C07 RF8 O . 2.81 1.19 -32.65
C08 RF8 O . 2.30 0.63 -31.31
C09 RF8 O . 0.93 1.23 -30.88
C10 RF8 O . 0.78 2.72 -31.25
C11 RF8 O . -0.41 3.39 -30.55
C12 RF8 O . -0.67 4.80 -31.13
C13 RF8 O . -1.35 5.75 -30.13
C14 RF8 O . -1.39 7.23 -30.55
C15 RF8 O . -0.14 8.00 -30.12
C16 RF8 O . 1.03 7.77 -31.09
C17 RF8 O . 2.16 6.94 -30.44
C18 RF8 O . 3.21 6.57 -31.51
O19 RF8 O . 2.97 5.66 -32.37
O20 RF8 O . 4.32 7.20 -31.53
H041 RF8 O . 6.67 2.61 -32.64
H042 RF8 O . 6.53 1.53 -34.01
H051 RF8 O . 4.32 2.49 -34.58
H052 RF8 O . 4.43 3.49 -33.11
H061 RF8 O . 4.70 1.51 -31.74
H062 RF8 O . 4.76 0.46 -33.15
H071 RF8 O . 2.49 0.51 -33.45
H072 RF8 O . 2.37 2.17 -32.86
H081 RF8 O . 3.03 0.81 -30.53
H082 RF8 O . 2.18 -0.44 -31.42
H091 RF8 O . 0.81 1.10 -29.81
H092 RF8 O . 0.15 0.65 -31.36
H102 RF8 O . 1.68 3.25 -31.02
H101 RF8 O . 0.59 2.80 -32.33
H111 RF8 O . -0.21 3.44 -29.48
H112 RF8 O . -1.28 2.77 -30.73
H122 RF8 O . 0.27 5.21 -31.45
H121 RF8 O . -1.31 4.69 -32.00
H132 RF8 O . -2.38 5.43 -30.00
H131 RF8 O . -0.86 5.69 -29.18
H142 RF8 O . -1.52 7.30 -31.63
H141 RF8 O . -2.23 7.69 -30.06
H152 RF8 O . -0.38 9.07 -30.11
H151 RF8 O . 0.15 7.70 -29.11
H162 RF8 O . 0.68 7.27 -31.98
H161 RF8 O . 1.44 8.73 -31.38
H172 RF8 O . 2.63 7.52 -29.66
H171 RF8 O . 1.76 6.04 -30.01
#